data_2RL7
#
_entry.id   2RL7
#
_cell.length_a   50.840
_cell.length_b   123.028
_cell.length_c   53.092
_cell.angle_alpha   90.00
_cell.angle_beta   92.46
_cell.angle_gamma   90.00
#
_symmetry.space_group_name_H-M   'P 1 21 1'
#
loop_
_entity.id
_entity.type
_entity.pdbx_description
1 polymer 'Cation-dependent mannose-6-phosphate receptor'
2 branched 2-acetamido-2-deoxy-beta-D-glucopyranose-(1-4)-2-acetamido-2-deoxy-beta-D-glucopyranose
3 non-polymer GLYCEROL
4 non-polymer 'ACETATE ION'
5 non-polymer 'CACODYLATE ION'
6 water water
#
_entity_poly.entity_id   1
_entity_poly.type   'polypeptide(L)'
_entity_poly.pdbx_seq_one_letter_code
;TEEKTCDLVGEKGKESEKELALLKRLTPLFQKSFESTVGQSPDMYSYVFRVCREAGQHSSGAGLVQIQKSNGKETVVGRF
NETQIFQGSNWIMLIYKGGDEYDNHCGREQRRAVVMISCNRHTLADNFNPVSEERGKVQDCFYLFEMDSSLACS
;
_entity_poly.pdbx_strand_id   A,B,C,D
#
# COMPACT_ATOMS: atom_id res chain seq x y z
N GLU A 3 -2.51 3.04 9.11
CA GLU A 3 -3.20 3.91 8.12
C GLU A 3 -2.18 4.58 7.20
N LYS A 4 -0.92 4.62 7.64
CA LYS A 4 0.15 5.22 6.86
C LYS A 4 0.98 4.14 6.18
N THR A 5 1.40 4.40 4.95
CA THR A 5 2.21 3.46 4.19
C THR A 5 3.49 4.17 3.73
N CYS A 6 4.27 3.50 2.88
CA CYS A 6 5.51 4.11 2.39
C CYS A 6 5.21 5.42 1.70
N ASP A 7 5.98 6.46 2.02
CA ASP A 7 5.82 7.76 1.40
C ASP A 7 7.06 7.98 0.53
N LEU A 8 6.99 8.33 -0.55
CA LEU A 8 8.13 8.52 -1.43
C LEU A 8 8.81 9.86 -1.17
N VAL A 9 10.12 9.91 -1.36
CA VAL A 9 10.88 11.14 -1.18
C VAL A 9 10.55 12.08 -2.35
N GLY A 10 10.57 13.39 -2.08
CA GLY A 10 10.28 14.36 -3.13
C GLY A 10 8.92 15.03 -3.06
N GLU A 15 2.85 11.37 -8.22
CA GLU A 15 3.92 10.71 -8.97
C GLU A 15 5.28 11.37 -8.81
N SER A 16 6.32 10.54 -8.81
CA SER A 16 6.52 9.54 -9.84
C SER A 16 5.52 8.41 -9.66
N GLU A 17 4.83 8.02 -10.72
CA GLU A 17 3.87 6.95 -10.61
C GLU A 17 4.48 5.72 -11.27
N LYS A 18 5.80 5.70 -11.31
CA LYS A 18 6.55 4.50 -11.62
C LYS A 18 7.05 3.86 -10.32
N GLU A 19 7.80 4.62 -9.53
CA GLU A 19 8.00 4.25 -8.13
C GLU A 19 6.68 3.84 -7.47
N LEU A 20 5.60 4.57 -7.76
CA LEU A 20 4.30 4.22 -7.19
C LEU A 20 3.97 2.78 -7.58
N ALA A 21 3.82 2.60 -8.89
CA ALA A 21 3.44 1.32 -9.46
C ALA A 21 4.45 0.26 -9.07
N LEU A 22 5.72 0.65 -9.10
CA LEU A 22 6.79 -0.26 -8.76
C LEU A 22 6.63 -0.66 -7.30
N LEU A 23 6.06 0.25 -6.52
CA LEU A 23 5.84 0.04 -5.08
C LEU A 23 4.62 -0.86 -4.86
N LYS A 24 3.61 -0.71 -5.71
CA LYS A 24 2.41 -1.52 -5.60
C LYS A 24 2.79 -2.99 -5.76
N ARG A 25 3.81 -3.23 -6.57
CA ARG A 25 4.29 -4.60 -6.84
C ARG A 25 4.72 -5.36 -5.59
N LEU A 26 5.12 -4.64 -4.56
CA LEU A 26 5.57 -5.27 -3.31
C LEU A 26 4.48 -5.45 -2.26
N THR A 27 3.24 -5.07 -2.57
CA THR A 27 2.16 -5.20 -1.59
C THR A 27 2.06 -6.56 -0.88
N PRO A 28 2.26 -7.67 -1.61
CA PRO A 28 2.19 -8.98 -0.95
C PRO A 28 3.21 -9.19 0.15
N LEU A 29 4.10 -8.22 0.36
CA LEU A 29 5.12 -8.33 1.39
C LEU A 29 4.80 -7.47 2.62
N PHE A 30 3.83 -6.56 2.48
CA PHE A 30 3.44 -5.67 3.57
C PHE A 30 3.20 -6.38 4.90
N GLN A 31 2.42 -7.45 4.87
CA GLN A 31 2.11 -8.19 6.09
C GLN A 31 3.26 -9.05 6.62
N LYS A 32 4.34 -9.18 5.84
CA LYS A 32 5.47 -10.00 6.26
C LYS A 32 6.47 -9.28 7.14
N SER A 33 7.09 -10.02 8.04
CA SER A 33 8.09 -9.48 8.94
C SER A 33 9.41 -10.20 8.68
N PHE A 34 10.47 -9.44 8.44
CA PHE A 34 11.76 -10.05 8.16
C PHE A 34 12.74 -9.75 9.28
N GLU A 35 13.56 -10.74 9.63
CA GLU A 35 14.53 -10.60 10.71
C GLU A 35 15.79 -11.41 10.42
N SER A 36 16.93 -10.90 10.88
CA SER A 36 18.22 -11.56 10.72
C SER A 36 19.11 -11.20 11.91
N THR A 37 19.79 -12.19 12.48
CA THR A 37 20.66 -11.97 13.63
C THR A 37 22.13 -12.17 13.26
N VAL A 38 23.00 -11.28 13.74
CA VAL A 38 24.43 -11.36 13.43
C VAL A 38 25.35 -11.25 14.65
N GLY A 39 26.60 -11.67 14.47
CA GLY A 39 27.57 -11.62 15.55
C GLY A 39 27.27 -12.62 16.66
N GLN A 40 28.16 -12.70 17.64
CA GLN A 40 27.96 -13.60 18.77
C GLN A 40 28.11 -12.89 20.10
N SER A 41 27.52 -13.48 21.15
CA SER A 41 27.57 -12.91 22.49
C SER A 41 28.96 -12.41 22.86
N PRO A 42 29.03 -11.25 23.53
CA PRO A 42 27.86 -10.45 23.92
C PRO A 42 27.60 -9.28 22.97
N ASP A 43 28.17 -9.34 21.77
CA ASP A 43 28.01 -8.28 20.79
C ASP A 43 27.08 -8.71 19.66
N MET A 44 25.98 -9.36 20.03
CA MET A 44 25.02 -9.85 19.06
C MET A 44 23.99 -8.79 18.68
N TYR A 45 23.57 -8.79 17.42
CA TYR A 45 22.58 -7.84 16.92
C TYR A 45 21.51 -8.49 16.07
N SER A 46 20.36 -7.83 16.02
CA SER A 46 19.23 -8.30 15.23
C SER A 46 18.69 -7.16 14.38
N TYR A 47 18.38 -7.45 13.12
CA TYR A 47 17.81 -6.45 12.23
C TYR A 47 16.38 -6.87 11.92
N VAL A 48 15.44 -5.95 12.11
CA VAL A 48 14.05 -6.25 11.80
C VAL A 48 13.65 -5.32 10.66
N PHE A 49 13.13 -5.91 9.59
CA PHE A 49 12.75 -5.17 8.39
C PHE A 49 11.32 -5.43 7.97
N ARG A 50 10.61 -4.37 7.59
CA ARG A 50 9.24 -4.52 7.11
C ARG A 50 9.04 -3.63 5.90
N VAL A 51 8.10 -4.01 5.03
CA VAL A 51 7.83 -3.24 3.83
C VAL A 51 6.61 -2.33 4.04
N CYS A 52 6.90 -1.04 4.22
CA CYS A 52 5.87 -0.02 4.46
C CYS A 52 5.10 -0.23 5.75
N ARG A 53 5.77 -0.70 6.79
CA ARG A 53 5.12 -0.92 8.08
C ARG A 53 6.14 -0.76 9.22
N GLU A 54 5.66 -0.40 10.41
CA GLU A 54 6.53 -0.21 11.57
C GLU A 54 7.34 -1.49 11.80
N ALA A 55 8.65 -1.34 11.95
CA ALA A 55 9.52 -2.51 12.15
C ALA A 55 10.07 -2.67 13.57
N GLY A 56 10.19 -1.57 14.31
CA GLY A 56 10.74 -1.68 15.66
C GLY A 56 9.79 -1.99 16.80
N GLN A 57 10.35 -2.04 18.00
CA GLN A 57 9.57 -2.31 19.20
C GLN A 57 9.10 -0.97 19.77
N HIS A 58 9.98 0.03 19.71
CA HIS A 58 9.63 1.35 20.23
C HIS A 58 10.17 2.52 19.42
N SER A 59 10.36 2.33 18.12
CA SER A 59 10.86 3.41 17.27
C SER A 59 9.86 3.72 16.18
N SER A 60 8.88 4.54 16.54
CA SER A 60 7.82 4.96 15.64
C SER A 60 8.30 5.41 14.25
N GLY A 61 7.68 4.87 13.21
CA GLY A 61 8.03 5.23 11.84
C GLY A 61 9.18 4.50 11.16
N ALA A 62 9.90 3.69 11.90
CA ALA A 62 11.04 2.96 11.34
C ALA A 62 10.66 1.83 10.40
N GLY A 63 11.32 1.78 9.25
CA GLY A 63 11.06 0.74 8.28
C GLY A 63 11.99 -0.45 8.49
N LEU A 64 13.14 -0.18 9.09
CA LEU A 64 14.13 -1.22 9.39
C LEU A 64 14.89 -0.74 10.62
N VAL A 65 14.99 -1.59 11.64
CA VAL A 65 15.70 -1.22 12.86
C VAL A 65 16.80 -2.21 13.25
N GLN A 66 17.83 -1.70 13.89
CA GLN A 66 18.95 -2.52 14.33
C GLN A 66 18.82 -2.66 15.84
N ILE A 67 18.63 -3.88 16.31
CA ILE A 67 18.45 -4.11 17.74
C ILE A 67 19.66 -4.78 18.40
N GLN A 68 20.28 -4.06 19.32
CA GLN A 68 21.43 -4.56 20.07
C GLN A 68 20.83 -5.48 21.14
N LYS A 69 21.10 -6.78 21.02
CA LYS A 69 20.54 -7.76 21.95
C LYS A 69 20.97 -7.73 23.41
N SER A 70 22.08 -7.08 23.72
CA SER A 70 22.53 -7.03 25.10
C SER A 70 21.66 -6.12 25.96
N ASN A 71 21.03 -5.11 25.35
CA ASN A 71 20.19 -4.19 26.10
C ASN A 71 18.91 -3.79 25.37
N GLY A 72 18.73 -4.30 24.16
CA GLY A 72 17.53 -3.99 23.39
C GLY A 72 17.52 -2.58 22.82
N LYS A 73 18.67 -1.91 22.85
CA LYS A 73 18.77 -0.56 22.31
C LYS A 73 18.47 -0.60 20.82
N GLU A 74 17.47 0.18 20.41
CA GLU A 74 17.06 0.22 19.01
C GLU A 74 17.61 1.39 18.20
N THR A 75 18.19 1.08 17.04
CA THR A 75 18.71 2.12 16.16
C THR A 75 17.89 2.11 14.89
N VAL A 76 17.37 3.27 14.49
CA VAL A 76 16.59 3.35 13.27
C VAL A 76 17.52 3.50 12.08
N VAL A 77 17.52 2.51 11.20
CA VAL A 77 18.37 2.54 10.01
C VAL A 77 17.70 3.37 8.89
N GLY A 78 16.38 3.33 8.84
CA GLY A 78 15.64 4.07 7.83
C GLY A 78 14.15 4.14 8.14
N ARG A 79 13.48 5.15 7.62
CA ARG A 79 12.05 5.32 7.83
C ARG A 79 11.29 5.19 6.51
N PHE A 80 10.21 4.41 6.52
CA PHE A 80 9.43 4.19 5.31
C PHE A 80 8.64 5.42 4.84
N ASN A 81 8.72 6.52 5.59
CA ASN A 81 8.02 7.72 5.17
C ASN A 81 8.95 8.56 4.27
N GLU A 82 10.15 8.03 4.03
CA GLU A 82 11.15 8.63 3.16
C GLU A 82 11.66 7.51 2.28
N THR A 83 10.75 6.90 1.53
CA THR A 83 11.08 5.77 0.66
C THR A 83 11.50 6.17 -0.73
N GLN A 84 12.35 5.33 -1.33
CA GLN A 84 12.82 5.48 -2.70
C GLN A 84 12.87 4.04 -3.17
N ILE A 85 12.51 3.80 -4.41
CA ILE A 85 12.51 2.45 -4.91
C ILE A 85 12.88 2.41 -6.39
N PHE A 86 13.86 1.58 -6.74
CA PHE A 86 14.29 1.46 -8.12
C PHE A 86 14.23 0.01 -8.56
N GLN A 87 14.27 -0.22 -9.86
CA GLN A 87 14.19 -1.57 -10.38
C GLN A 87 15.17 -1.79 -11.52
N GLY A 88 15.62 -3.03 -11.66
CA GLY A 88 16.56 -3.38 -12.71
C GLY A 88 16.31 -4.79 -13.20
N SER A 89 17.27 -5.32 -13.95
CA SER A 89 17.16 -6.68 -14.47
C SER A 89 17.18 -7.72 -13.36
N ASN A 90 16.00 -8.25 -13.03
CA ASN A 90 15.86 -9.27 -11.99
C ASN A 90 16.13 -8.78 -10.57
N TRP A 91 15.97 -7.48 -10.35
CA TRP A 91 16.17 -6.93 -9.00
C TRP A 91 15.41 -5.64 -8.79
N ILE A 92 15.11 -5.37 -7.52
CA ILE A 92 14.39 -4.19 -7.10
C ILE A 92 15.13 -3.69 -5.87
N MET A 93 15.46 -2.40 -5.86
CA MET A 93 16.16 -1.83 -4.72
C MET A 93 15.24 -0.92 -3.94
N LEU A 94 15.00 -1.28 -2.68
CA LEU A 94 14.14 -0.50 -1.80
C LEU A 94 15.02 0.25 -0.80
N ILE A 95 14.79 1.56 -0.69
CA ILE A 95 15.56 2.41 0.19
C ILE A 95 14.69 3.16 1.20
N TYR A 96 15.11 3.15 2.46
CA TYR A 96 14.41 3.88 3.53
C TYR A 96 15.44 4.91 4.02
N LYS A 97 15.07 6.18 4.01
CA LYS A 97 16.00 7.21 4.48
C LYS A 97 15.57 7.79 5.82
N GLY A 98 16.29 8.81 6.27
CA GLY A 98 15.94 9.45 7.53
C GLY A 98 16.20 8.68 8.81
N GLY A 99 17.14 7.74 8.78
CA GLY A 99 17.45 6.98 9.98
C GLY A 99 18.18 7.85 10.98
N ASP A 100 18.56 7.29 12.13
CA ASP A 100 19.27 8.06 13.15
C ASP A 100 20.63 8.45 12.61
N GLU A 101 21.15 9.58 13.07
CA GLU A 101 22.47 10.03 12.63
C GLU A 101 23.54 9.15 13.25
N TYR A 102 24.62 8.94 12.52
CA TYR A 102 25.73 8.14 13.02
C TYR A 102 26.39 8.91 14.15
N ASP A 103 26.70 10.18 13.90
CA ASP A 103 27.34 11.02 14.89
C ASP A 103 28.58 10.30 15.43
N ASN A 104 29.43 9.84 14.52
CA ASN A 104 30.66 9.15 14.88
C ASN A 104 31.69 9.33 13.78
N HIS A 105 32.58 8.36 13.63
CA HIS A 105 33.61 8.44 12.60
C HIS A 105 33.00 8.55 11.21
N CYS A 106 31.76 8.05 11.07
CA CYS A 106 31.07 8.11 9.79
C CYS A 106 30.57 9.53 9.53
N GLY A 107 30.57 10.37 10.57
CA GLY A 107 30.07 11.72 10.43
C GLY A 107 28.68 11.83 11.03
N ARG A 108 27.94 12.88 10.70
CA ARG A 108 26.60 12.99 11.27
C ARG A 108 25.44 12.88 10.28
N GLU A 109 25.66 12.20 9.16
CA GLU A 109 24.61 12.02 8.18
C GLU A 109 23.63 11.01 8.78
N GLN A 110 22.38 11.06 8.33
CA GLN A 110 21.36 10.14 8.81
C GLN A 110 21.62 8.76 8.21
N ARG A 111 21.27 7.72 8.95
CA ARG A 111 21.44 6.36 8.43
C ARG A 111 20.37 6.14 7.34
N ARG A 112 20.65 5.21 6.45
CA ARG A 112 19.71 4.85 5.39
C ARG A 112 19.74 3.34 5.30
N ALA A 113 18.62 2.74 4.93
CA ALA A 113 18.59 1.29 4.79
C ALA A 113 18.37 0.94 3.33
N VAL A 114 19.29 0.17 2.75
CA VAL A 114 19.16 -0.23 1.36
C VAL A 114 18.93 -1.72 1.30
N VAL A 115 17.82 -2.12 0.69
CA VAL A 115 17.51 -3.54 0.56
C VAL A 115 17.47 -3.94 -0.90
N MET A 116 18.34 -4.88 -1.27
CA MET A 116 18.40 -5.38 -2.65
C MET A 116 17.60 -6.66 -2.76
N ILE A 117 16.49 -6.61 -3.50
CA ILE A 117 15.62 -7.77 -3.67
C ILE A 117 15.88 -8.43 -5.02
N SER A 118 16.41 -9.65 -4.99
CA SER A 118 16.72 -10.39 -6.21
C SER A 118 15.62 -11.36 -6.57
N CYS A 119 15.47 -11.64 -7.87
CA CYS A 119 14.46 -12.56 -8.37
C CYS A 119 14.67 -14.00 -7.94
N ASN A 120 13.58 -14.65 -7.57
CA ASN A 120 13.59 -16.05 -7.16
C ASN A 120 12.15 -16.52 -7.31
N ARG A 121 11.88 -17.29 -8.34
CA ARG A 121 10.53 -17.80 -8.59
C ARG A 121 10.11 -18.86 -7.58
N HIS A 122 11.07 -19.37 -6.82
CA HIS A 122 10.75 -20.42 -5.85
C HIS A 122 10.14 -19.90 -4.54
N THR A 123 10.13 -18.59 -4.34
CA THR A 123 9.58 -18.04 -3.10
C THR A 123 9.08 -16.62 -3.21
N LEU A 124 8.07 -16.31 -2.41
CA LEU A 124 7.50 -14.97 -2.38
C LEU A 124 8.50 -14.06 -1.69
N ALA A 125 9.17 -14.58 -0.67
CA ALA A 125 10.16 -13.78 0.06
C ALA A 125 10.89 -14.54 1.16
N ASP A 126 12.20 -14.32 1.26
CA ASP A 126 13.15 -15.38 1.88
C ASP A 126 14.54 -14.75 2.01
N ASN A 127 15.37 -15.33 2.88
CA ASN A 127 16.81 -15.25 2.74
C ASN A 127 17.24 -13.81 2.97
N PHE A 128 16.57 -13.14 3.90
CA PHE A 128 16.92 -11.78 4.23
C PHE A 128 18.13 -11.82 5.17
N ASN A 129 19.14 -11.03 4.85
CA ASN A 129 20.34 -10.95 5.68
C ASN A 129 21.18 -9.74 5.31
N PRO A 130 22.04 -9.30 6.24
CA PRO A 130 22.90 -8.15 6.00
C PRO A 130 24.08 -8.43 5.09
N VAL A 131 24.50 -7.40 4.37
CA VAL A 131 25.62 -7.49 3.45
C VAL A 131 26.65 -6.47 3.91
N SER A 132 26.17 -5.30 4.30
CA SER A 132 27.02 -4.23 4.80
C SER A 132 26.35 -3.65 6.02
N GLU A 133 27.16 -3.19 6.98
CA GLU A 133 26.62 -2.62 8.21
C GLU A 133 27.59 -1.72 8.95
N GLU A 134 27.05 -1.06 9.95
CA GLU A 134 27.81 -0.21 10.87
C GLU A 134 27.29 -0.90 12.10
N ARG A 135 28.05 -1.88 12.57
CA ARG A 135 27.65 -2.67 13.72
C ARG A 135 28.87 -3.27 14.39
N GLY A 136 29.14 -2.85 15.62
CA GLY A 136 30.29 -3.35 16.34
C GLY A 136 31.58 -3.07 15.60
N LYS A 137 32.35 -4.13 15.35
CA LYS A 137 33.63 -4.01 14.65
C LYS A 137 33.45 -3.83 13.14
N VAL A 138 32.24 -4.03 12.67
CA VAL A 138 31.94 -3.87 11.24
C VAL A 138 31.56 -2.42 11.05
N GLN A 139 32.49 -1.63 10.51
CA GLN A 139 32.23 -0.21 10.32
C GLN A 139 32.25 0.19 8.84
N ASP A 140 31.18 -0.16 8.14
CA ASP A 140 31.07 0.14 6.72
C ASP A 140 30.42 1.51 6.48
N CYS A 141 29.84 2.08 7.53
CA CYS A 141 29.14 3.37 7.42
C CYS A 141 28.13 3.23 6.30
N PHE A 142 27.51 2.06 6.21
CA PHE A 142 26.54 1.80 5.16
C PHE A 142 25.79 0.52 5.51
N TYR A 143 24.48 0.54 5.33
CA TYR A 143 23.65 -0.61 5.63
C TYR A 143 23.02 -1.12 4.35
N LEU A 144 23.41 -2.34 3.96
CA LEU A 144 22.88 -2.96 2.76
C LEU A 144 22.40 -4.35 3.14
N PHE A 145 21.18 -4.67 2.73
CA PHE A 145 20.63 -5.98 3.02
C PHE A 145 20.20 -6.62 1.69
N GLU A 146 19.94 -7.91 1.70
CA GLU A 146 19.50 -8.60 0.49
C GLU A 146 18.46 -9.63 0.85
N MET A 147 17.65 -10.00 -0.14
CA MET A 147 16.61 -11.00 0.03
C MET A 147 16.12 -11.46 -1.34
N ASP A 148 15.48 -12.62 -1.36
CA ASP A 148 14.94 -13.19 -2.59
C ASP A 148 13.43 -13.03 -2.64
N SER A 149 12.91 -12.79 -3.84
CA SER A 149 11.46 -12.66 -4.02
C SER A 149 11.08 -12.80 -5.46
N SER A 150 10.02 -13.57 -5.70
CA SER A 150 9.50 -13.79 -7.04
C SER A 150 9.03 -12.47 -7.62
N LEU A 151 8.67 -11.55 -6.73
CA LEU A 151 8.18 -10.24 -7.11
C LEU A 151 9.22 -9.42 -7.84
N ALA A 152 10.48 -9.79 -7.66
CA ALA A 152 11.59 -9.10 -8.31
C ALA A 152 11.91 -9.70 -9.68
N CYS A 153 11.27 -10.82 -10.02
CA CYS A 153 11.53 -11.43 -11.32
C CYS A 153 10.91 -10.58 -12.42
N SER A 154 11.75 -10.16 -13.36
CA SER A 154 11.30 -9.33 -14.47
C SER A 154 11.12 -10.17 -15.74
N GLU B 3 49.46 3.66 -12.61
CA GLU B 3 48.99 2.45 -11.96
C GLU B 3 48.15 2.76 -10.74
N LYS B 4 47.62 3.98 -10.68
CA LYS B 4 46.77 4.37 -9.56
C LYS B 4 45.49 3.58 -9.72
N THR B 5 45.18 2.73 -8.75
CA THR B 5 43.96 1.92 -8.82
C THR B 5 43.03 2.32 -7.69
N CYS B 6 42.04 1.48 -7.45
CA CYS B 6 41.09 1.73 -6.39
C CYS B 6 41.77 1.70 -5.04
N ASP B 7 41.21 2.75 -4.38
CA ASP B 7 41.70 2.73 -3.01
C ASP B 7 40.49 2.46 -2.11
N LEU B 8 40.54 1.36 -1.37
CA LEU B 8 39.44 1.00 -0.49
C LEU B 8 39.34 1.92 0.71
N VAL B 9 38.14 2.40 0.98
CA VAL B 9 37.92 3.25 2.13
C VAL B 9 38.16 2.34 3.33
N GLY B 10 38.82 2.87 4.35
CA GLY B 10 39.08 2.05 5.52
C GLY B 10 40.04 2.65 6.53
N SER B 16 41.16 -4.34 4.59
CA SER B 16 39.86 -4.92 4.25
C SER B 16 39.98 -5.70 2.94
N GLU B 17 40.13 -7.01 3.06
CA GLU B 17 40.97 -7.75 2.14
C GLU B 17 40.15 -8.77 1.36
N LYS B 18 39.24 -9.43 2.05
CA LYS B 18 37.95 -9.81 1.46
C LYS B 18 37.48 -8.81 0.42
N GLU B 19 37.67 -7.53 0.71
CA GLU B 19 37.26 -6.50 -0.23
C GLU B 19 38.25 -6.41 -1.38
N LEU B 20 39.54 -6.54 -1.06
CA LEU B 20 40.60 -6.50 -2.07
C LEU B 20 40.44 -7.63 -3.08
N ALA B 21 39.91 -8.86 -2.54
CA ALA B 21 39.66 -10.04 -3.38
C ALA B 21 38.61 -9.73 -4.44
N LEU B 22 37.63 -8.91 -4.07
CA LEU B 22 36.57 -8.54 -5.01
C LEU B 22 37.13 -7.64 -6.10
N LEU B 23 37.98 -6.69 -5.71
CA LEU B 23 38.58 -5.78 -6.67
C LEU B 23 39.46 -6.56 -7.63
N LYS B 24 40.19 -7.55 -7.11
CA LYS B 24 41.08 -8.38 -7.92
C LYS B 24 40.24 -9.15 -8.95
N ARG B 25 39.06 -9.56 -8.54
CA ARG B 25 38.15 -10.30 -9.39
C ARG B 25 37.65 -9.42 -10.56
N LEU B 26 37.64 -8.11 -10.33
CA LEU B 26 37.19 -7.15 -11.35
C LEU B 26 38.30 -6.64 -12.26
N THR B 27 39.51 -7.14 -12.05
CA THR B 27 40.65 -6.71 -12.83
C THR B 27 40.41 -6.71 -14.35
N PRO B 28 39.81 -7.79 -14.88
CA PRO B 28 39.56 -7.84 -16.33
C PRO B 28 38.79 -6.62 -16.89
N LEU B 29 38.13 -5.86 -16.02
CA LEU B 29 37.35 -4.71 -16.45
C LEU B 29 38.08 -3.36 -16.35
N PHE B 30 39.21 -3.34 -15.66
CA PHE B 30 39.97 -2.10 -15.46
C PHE B 30 40.24 -1.30 -16.74
N GLN B 31 40.52 -1.99 -17.83
CA GLN B 31 40.81 -1.28 -19.08
C GLN B 31 39.57 -0.87 -19.89
N LYS B 32 38.41 -1.40 -19.53
CA LYS B 32 37.21 -1.05 -20.26
C LYS B 32 36.67 0.30 -19.87
N SER B 33 35.93 0.92 -20.77
CA SER B 33 35.34 2.21 -20.47
C SER B 33 33.86 2.02 -20.69
N PHE B 34 33.05 2.66 -19.86
CA PHE B 34 31.61 2.55 -19.98
C PHE B 34 31.00 3.94 -20.06
N GLU B 35 30.09 4.12 -21.00
CA GLU B 35 29.46 5.42 -21.18
C GLU B 35 27.99 5.32 -21.52
N SER B 36 27.24 6.36 -21.15
CA SER B 36 25.81 6.41 -21.41
C SER B 36 25.33 7.84 -21.46
N THR B 37 24.60 8.17 -22.52
CA THR B 37 24.04 9.51 -22.71
C THR B 37 22.56 9.47 -22.39
N VAL B 38 22.10 10.47 -21.64
CA VAL B 38 20.69 10.57 -21.26
C VAL B 38 20.14 11.95 -21.58
N GLY B 39 18.81 12.06 -21.59
CA GLY B 39 18.18 13.32 -21.87
C GLY B 39 18.12 13.69 -23.34
N GLN B 40 17.54 14.85 -23.63
CA GLN B 40 17.41 15.33 -24.99
C GLN B 40 17.59 16.84 -25.03
N SER B 41 18.24 17.32 -26.08
CA SER B 41 18.50 18.74 -26.27
C SER B 41 17.36 19.60 -25.73
N PRO B 42 17.71 20.67 -25.00
CA PRO B 42 19.10 21.04 -24.73
C PRO B 42 19.80 20.22 -23.62
N ASP B 43 19.10 20.00 -22.52
CA ASP B 43 19.64 19.28 -21.37
C ASP B 43 20.02 17.81 -21.55
N MET B 44 21.11 17.56 -22.26
CA MET B 44 21.60 16.19 -22.45
C MET B 44 22.85 16.03 -21.61
N TYR B 45 23.00 14.87 -20.97
CA TYR B 45 24.19 14.62 -20.15
C TYR B 45 24.80 13.28 -20.54
N SER B 46 26.07 13.10 -20.24
CA SER B 46 26.78 11.87 -20.54
C SER B 46 27.60 11.38 -19.35
N TYR B 47 27.42 10.11 -19.01
CA TYR B 47 28.13 9.51 -17.89
C TYR B 47 29.26 8.62 -18.41
N VAL B 48 30.44 8.77 -17.81
CA VAL B 48 31.57 7.94 -18.17
C VAL B 48 32.00 7.20 -16.90
N PHE B 49 32.03 5.88 -16.98
CA PHE B 49 32.38 5.05 -15.82
C PHE B 49 33.54 4.11 -16.09
N ARG B 50 34.43 4.01 -15.11
CA ARG B 50 35.56 3.11 -15.19
C ARG B 50 35.82 2.41 -13.86
N VAL B 51 36.33 1.19 -13.93
CA VAL B 51 36.62 0.40 -12.77
C VAL B 51 38.09 0.59 -12.38
N CYS B 52 38.31 1.27 -11.27
CA CYS B 52 39.63 1.56 -10.73
C CYS B 52 40.56 2.37 -11.63
N ARG B 53 39.99 3.20 -12.48
CA ARG B 53 40.81 4.05 -13.36
C ARG B 53 40.09 5.38 -13.57
N GLU B 54 40.87 6.40 -13.94
CA GLU B 54 40.32 7.74 -14.17
C GLU B 54 39.29 7.73 -15.29
N ALA B 55 38.13 8.34 -15.03
CA ALA B 55 37.05 8.42 -16.01
C ALA B 55 36.85 9.84 -16.52
N GLY B 56 37.41 10.81 -15.80
CA GLY B 56 37.27 12.20 -16.20
C GLY B 56 38.42 12.71 -17.04
N GLN B 57 38.29 13.94 -17.52
CA GLN B 57 39.34 14.53 -18.36
C GLN B 57 40.02 15.69 -17.65
N HIS B 58 39.88 15.75 -16.33
CA HIS B 58 40.49 16.81 -15.53
C HIS B 58 41.41 16.19 -14.48
N SER B 59 41.87 14.98 -14.76
CA SER B 59 42.75 14.23 -13.87
C SER B 59 42.40 14.51 -12.41
N SER B 60 41.12 14.39 -12.08
CA SER B 60 40.65 14.62 -10.72
C SER B 60 40.40 13.32 -9.96
N GLY B 61 40.92 12.21 -10.48
CA GLY B 61 40.75 10.92 -9.84
C GLY B 61 39.32 10.42 -9.81
N ALA B 62 38.53 10.87 -10.76
CA ALA B 62 37.13 10.47 -10.81
C ALA B 62 36.95 9.03 -11.30
N GLY B 63 36.09 8.29 -10.61
CA GLY B 63 35.80 6.92 -11.01
C GLY B 63 34.57 6.90 -11.92
N LEU B 64 33.76 7.94 -11.81
CA LEU B 64 32.57 8.07 -12.66
C LEU B 64 32.26 9.56 -12.76
N VAL B 65 32.04 10.04 -13.97
CA VAL B 65 31.74 11.45 -14.16
C VAL B 65 30.46 11.73 -14.93
N GLN B 66 29.88 12.90 -14.68
CA GLN B 66 28.67 13.33 -15.36
C GLN B 66 29.08 14.53 -16.21
N ILE B 67 28.93 14.41 -17.52
CA ILE B 67 29.28 15.49 -18.43
C ILE B 67 28.01 16.16 -18.98
N GLN B 68 27.81 17.43 -18.62
CA GLN B 68 26.62 18.16 -19.06
C GLN B 68 26.77 18.78 -20.44
N LYS B 69 25.98 18.31 -21.40
CA LYS B 69 26.04 18.83 -22.75
C LYS B 69 25.28 20.14 -22.84
N SER B 70 25.80 21.33 -22.27
CA SER B 70 25.40 22.69 -22.64
C SER B 70 26.65 23.53 -22.53
N ASN B 71 27.64 23.00 -21.83
CA ASN B 71 28.85 23.72 -21.49
C ASN B 71 30.03 22.76 -21.53
N GLY B 72 29.73 21.47 -21.60
CA GLY B 72 30.79 20.47 -21.62
C GLY B 72 31.40 20.31 -20.24
N LYS B 73 30.68 20.82 -19.24
CA LYS B 73 31.15 20.77 -17.86
C LYS B 73 31.11 19.37 -17.25
N GLU B 74 32.20 19.00 -16.58
CA GLU B 74 32.32 17.70 -15.92
C GLU B 74 32.04 17.80 -14.43
N THR B 75 31.19 16.90 -13.93
CA THR B 75 30.87 16.82 -12.52
C THR B 75 31.35 15.45 -12.04
N VAL B 76 32.13 15.42 -10.97
CA VAL B 76 32.62 14.15 -10.45
C VAL B 76 31.54 13.52 -9.58
N VAL B 77 31.03 12.36 -9.99
CA VAL B 77 30.00 11.68 -9.21
C VAL B 77 30.63 10.90 -8.05
N GLY B 78 31.81 10.35 -8.30
CA GLY B 78 32.53 9.62 -7.26
C GLY B 78 33.98 9.42 -7.68
N ARG B 79 34.88 9.26 -6.71
CA ARG B 79 36.31 9.06 -6.98
C ARG B 79 36.72 7.65 -6.56
N PHE B 80 37.59 7.00 -7.35
CA PHE B 80 37.98 5.64 -7.02
C PHE B 80 39.00 5.49 -5.90
N ASN B 81 39.43 6.61 -5.32
CA ASN B 81 40.38 6.54 -4.22
C ASN B 81 39.59 6.43 -2.90
N GLU B 82 38.27 6.32 -3.02
CA GLU B 82 37.37 6.13 -1.88
C GLU B 82 36.36 5.08 -2.31
N THR B 83 36.87 3.87 -2.53
CA THR B 83 36.05 2.77 -3.01
C THR B 83 35.57 1.75 -1.98
N GLN B 84 34.32 1.34 -2.12
CA GLN B 84 33.72 0.32 -1.28
C GLN B 84 33.12 -0.69 -2.25
N ILE B 85 33.18 -1.97 -1.91
CA ILE B 85 32.63 -2.97 -2.80
C ILE B 85 32.04 -4.12 -2.00
N PHE B 86 30.86 -4.59 -2.40
CA PHE B 86 30.21 -5.68 -1.68
C PHE B 86 29.72 -6.76 -2.63
N GLN B 87 29.79 -8.00 -2.18
CA GLN B 87 29.36 -9.15 -2.96
C GLN B 87 27.94 -9.52 -2.51
N GLY B 88 27.05 -9.71 -3.47
CA GLY B 88 25.69 -10.07 -3.17
C GLY B 88 25.39 -11.45 -3.71
N SER B 89 24.15 -11.89 -3.56
CA SER B 89 23.74 -13.22 -4.02
C SER B 89 23.85 -13.46 -5.53
N ASN B 90 23.71 -12.42 -6.33
CA ASN B 90 23.78 -12.58 -7.78
C ASN B 90 24.24 -11.26 -8.36
N TRP B 91 24.97 -10.49 -7.54
CA TRP B 91 25.44 -9.19 -7.95
C TRP B 91 26.63 -8.71 -7.12
N ILE B 92 27.22 -7.62 -7.60
CA ILE B 92 28.33 -6.97 -6.91
C ILE B 92 27.97 -5.50 -6.90
N MET B 93 28.11 -4.86 -5.75
CA MET B 93 27.83 -3.44 -5.67
C MET B 93 29.15 -2.70 -5.52
N LEU B 94 29.45 -1.84 -6.49
CA LEU B 94 30.68 -1.03 -6.45
C LEU B 94 30.28 0.39 -6.12
N ILE B 95 30.96 0.98 -5.17
CA ILE B 95 30.67 2.34 -4.73
C ILE B 95 31.91 3.24 -4.78
N TYR B 96 31.74 4.44 -5.31
CA TYR B 96 32.81 5.42 -5.35
C TYR B 96 32.27 6.62 -4.58
N LYS B 97 32.97 7.04 -3.53
CA LYS B 97 32.52 8.17 -2.73
C LYS B 97 33.36 9.40 -3.02
N GLY B 98 33.09 10.48 -2.30
CA GLY B 98 33.85 11.71 -2.46
C GLY B 98 33.73 12.47 -3.76
N GLY B 99 32.52 12.51 -4.32
CA GLY B 99 32.32 13.23 -5.56
C GLY B 99 32.11 14.71 -5.31
N ASP B 100 31.76 15.48 -6.34
CA ASP B 100 31.54 16.90 -6.15
C ASP B 100 30.30 17.13 -5.31
N GLU B 101 30.32 18.21 -4.53
CA GLU B 101 29.19 18.54 -3.69
C GLU B 101 27.93 18.93 -4.47
N TYR B 102 26.78 18.50 -3.98
CA TYR B 102 25.54 18.95 -4.59
C TYR B 102 25.52 20.27 -3.85
N ASP B 103 24.98 21.31 -4.45
CA ASP B 103 24.92 22.57 -3.71
C ASP B 103 23.60 23.15 -4.13
N ASN B 104 22.65 22.24 -4.30
CA ASN B 104 21.25 22.55 -4.54
C ASN B 104 20.28 22.01 -3.47
N HIS B 105 19.10 21.64 -3.91
CA HIS B 105 18.08 21.09 -3.02
C HIS B 105 18.51 19.82 -2.29
N CYS B 106 19.48 19.10 -2.85
CA CYS B 106 19.96 17.86 -2.24
C CYS B 106 20.83 18.10 -1.01
N GLY B 107 21.24 19.34 -0.80
CA GLY B 107 22.09 19.67 0.32
C GLY B 107 23.49 19.90 -0.20
N ARG B 108 24.48 19.96 0.68
CA ARG B 108 25.85 20.21 0.25
C ARG B 108 26.76 19.00 0.39
N GLU B 109 26.16 17.82 0.52
CA GLU B 109 26.92 16.59 0.65
C GLU B 109 27.66 16.26 -0.65
N GLN B 110 28.74 15.50 -0.55
CA GLN B 110 29.49 15.12 -1.74
C GLN B 110 28.76 14.00 -2.46
N ARG B 111 28.76 14.03 -3.79
CA ARG B 111 28.10 12.99 -4.56
C ARG B 111 28.80 11.66 -4.31
N ARG B 112 28.12 10.56 -4.66
CA ARG B 112 28.66 9.21 -4.54
C ARG B 112 28.11 8.43 -5.73
N ALA B 113 28.89 7.47 -6.22
CA ALA B 113 28.45 6.68 -7.35
C ALA B 113 28.24 5.23 -6.93
N VAL B 114 27.08 4.68 -7.28
CA VAL B 114 26.79 3.29 -6.95
C VAL B 114 26.50 2.54 -8.24
N VAL B 115 27.24 1.46 -8.49
CA VAL B 115 27.04 0.66 -9.68
C VAL B 115 26.68 -0.77 -9.30
N MET B 116 25.48 -1.19 -9.71
CA MET B 116 24.96 -2.52 -9.46
C MET B 116 25.36 -3.43 -10.62
N ILE B 117 26.34 -4.30 -10.37
CA ILE B 117 26.81 -5.24 -11.39
C ILE B 117 26.11 -6.59 -11.23
N SER B 118 25.15 -6.87 -12.10
CA SER B 118 24.41 -8.13 -12.04
C SER B 118 25.13 -9.28 -12.74
N CYS B 119 25.05 -10.47 -12.16
CA CYS B 119 25.65 -11.65 -12.74
C CYS B 119 25.01 -11.93 -14.09
N ASN B 120 25.84 -12.20 -15.09
CA ASN B 120 25.35 -12.53 -16.42
C ASN B 120 26.46 -13.30 -17.09
N ARG B 121 26.32 -14.61 -17.09
CA ARG B 121 27.34 -15.47 -17.67
C ARG B 121 27.56 -15.28 -19.17
N HIS B 122 26.63 -14.59 -19.84
CA HIS B 122 26.76 -14.38 -21.27
C HIS B 122 27.70 -13.23 -21.69
N THR B 123 28.02 -12.34 -20.76
CA THR B 123 28.90 -11.22 -21.09
C THR B 123 29.90 -10.89 -20.00
N LEU B 124 31.10 -10.53 -20.40
CA LEU B 124 32.14 -10.15 -19.46
C LEU B 124 31.72 -8.80 -18.85
N ALA B 125 31.11 -7.95 -19.68
CA ALA B 125 30.66 -6.62 -19.23
C ALA B 125 29.85 -5.94 -20.32
N ASP B 126 28.64 -5.49 -19.99
CA ASP B 126 27.80 -4.81 -20.98
C ASP B 126 26.52 -4.28 -20.35
N ASN B 127 25.75 -3.57 -21.17
CA ASN B 127 24.47 -3.02 -20.75
C ASN B 127 24.52 -1.98 -19.62
N PHE B 128 25.61 -1.21 -19.57
CA PHE B 128 25.77 -0.15 -18.57
C PHE B 128 24.68 0.88 -18.75
N ASN B 129 23.88 1.10 -17.71
CA ASN B 129 22.78 2.04 -17.83
C ASN B 129 22.44 2.75 -16.53
N PRO B 130 22.10 4.05 -16.61
CA PRO B 130 21.77 4.72 -15.35
C PRO B 130 20.34 4.35 -14.89
N VAL B 131 20.14 4.28 -13.59
CA VAL B 131 18.85 3.91 -13.02
C VAL B 131 18.31 5.03 -12.14
N SER B 132 19.20 5.69 -11.41
CA SER B 132 18.82 6.80 -10.54
C SER B 132 19.85 7.89 -10.73
N GLU B 133 19.42 9.14 -10.77
CA GLU B 133 20.37 10.24 -10.95
C GLU B 133 19.88 11.55 -10.36
N GLU B 134 20.77 12.53 -10.41
CA GLU B 134 20.48 13.89 -10.00
C GLU B 134 20.98 14.55 -11.29
N ARG B 135 20.07 14.68 -12.23
CA ARG B 135 20.38 15.22 -13.55
C ARG B 135 19.24 16.09 -14.05
N GLY B 136 19.44 17.41 -13.99
CA GLY B 136 18.40 18.33 -14.44
C GLY B 136 17.07 18.08 -13.77
N LYS B 137 16.09 17.64 -14.57
CA LYS B 137 14.73 17.36 -14.09
C LYS B 137 14.65 16.17 -13.14
N VAL B 138 15.52 15.17 -13.35
CA VAL B 138 15.54 14.00 -12.50
C VAL B 138 16.30 14.38 -11.23
N GLN B 139 15.58 14.44 -10.12
CA GLN B 139 16.21 14.84 -8.86
C GLN B 139 16.12 13.80 -7.77
N ASP B 140 16.80 12.68 -7.97
CA ASP B 140 16.81 11.57 -7.01
C ASP B 140 17.85 11.80 -5.91
N CYS B 141 18.77 12.74 -6.13
CA CYS B 141 19.85 13.02 -5.17
C CYS B 141 20.53 11.70 -4.86
N PHE B 142 20.65 10.86 -5.88
CA PHE B 142 21.21 9.51 -5.75
C PHE B 142 21.64 9.07 -7.14
N TYR B 143 22.84 8.52 -7.24
CA TYR B 143 23.34 8.04 -8.51
C TYR B 143 23.47 6.53 -8.47
N LEU B 144 22.64 5.85 -9.25
CA LEU B 144 22.64 4.41 -9.31
C LEU B 144 22.72 3.98 -10.77
N PHE B 145 23.68 3.10 -11.07
CA PHE B 145 23.85 2.59 -12.42
C PHE B 145 23.79 1.07 -12.34
N GLU B 146 23.49 0.44 -13.47
CA GLU B 146 23.38 -1.01 -13.56
C GLU B 146 24.20 -1.47 -14.77
N MET B 147 24.66 -2.71 -14.72
CA MET B 147 25.40 -3.31 -15.82
C MET B 147 25.50 -4.79 -15.56
N ASP B 148 25.79 -5.55 -16.61
CA ASP B 148 25.91 -7.00 -16.50
C ASP B 148 27.36 -7.42 -16.62
N SER B 149 27.73 -8.48 -15.88
CA SER B 149 29.08 -9.03 -15.93
C SER B 149 29.10 -10.46 -15.40
N SER B 150 29.78 -11.33 -16.13
CA SER B 150 29.90 -12.71 -15.72
C SER B 150 30.81 -12.75 -14.49
N LEU B 151 31.50 -11.63 -14.23
CA LEU B 151 32.40 -11.52 -13.09
C LEU B 151 31.64 -11.44 -11.76
N ALA B 152 30.39 -10.98 -11.84
CA ALA B 152 29.55 -10.88 -10.64
C ALA B 152 28.91 -12.22 -10.30
N CYS B 153 29.23 -13.26 -11.08
CA CYS B 153 28.64 -14.56 -10.81
C CYS B 153 29.46 -15.34 -9.79
N SER B 154 28.76 -16.08 -8.93
CA SER B 154 29.35 -16.87 -7.87
C SER B 154 30.16 -16.02 -6.88
N GLU C 3 -22.06 -19.67 26.23
CA GLU C 3 -22.65 -18.36 25.91
C GLU C 3 -22.81 -18.20 24.41
N LYS C 4 -23.91 -17.59 23.99
CA LYS C 4 -24.18 -17.38 22.58
C LYS C 4 -23.35 -16.24 22.00
N THR C 5 -22.96 -16.40 20.74
CA THR C 5 -22.17 -15.39 20.06
C THR C 5 -22.64 -15.31 18.61
N CYS C 6 -21.80 -14.72 17.77
CA CYS C 6 -22.13 -14.56 16.36
C CYS C 6 -22.32 -15.87 15.62
N ASP C 7 -23.26 -15.86 14.68
CA ASP C 7 -23.57 -17.01 13.84
C ASP C 7 -23.52 -16.49 12.42
N LEU C 8 -22.64 -17.07 11.62
CA LEU C 8 -22.50 -16.66 10.24
C LEU C 8 -23.69 -17.11 9.40
N VAL C 9 -24.08 -16.27 8.45
CA VAL C 9 -25.19 -16.60 7.58
C VAL C 9 -24.70 -17.66 6.60
N GLY C 10 -25.62 -18.47 6.09
CA GLY C 10 -25.32 -19.88 5.92
C GLY C 10 -26.57 -20.70 5.74
N SER C 16 -16.70 -19.53 5.10
CA SER C 16 -16.99 -19.47 6.52
C SER C 16 -15.68 -19.40 7.29
N GLU C 17 -14.62 -19.83 6.63
CA GLU C 17 -13.31 -19.96 7.26
C GLU C 17 -12.79 -18.55 7.45
N LYS C 18 -12.80 -17.80 6.34
CA LYS C 18 -12.32 -16.42 6.31
C LYS C 18 -13.09 -15.51 7.25
N GLU C 19 -14.41 -15.72 7.35
CA GLU C 19 -15.23 -14.89 8.22
C GLU C 19 -15.01 -15.23 9.69
N LEU C 20 -14.98 -16.53 9.99
CA LEU C 20 -14.76 -16.98 11.35
C LEU C 20 -13.44 -16.43 11.87
N ALA C 21 -12.40 -16.50 11.04
CA ALA C 21 -11.10 -15.99 11.43
C ALA C 21 -11.25 -14.51 11.76
N LEU C 22 -12.06 -13.81 10.96
CA LEU C 22 -12.30 -12.39 11.17
C LEU C 22 -13.00 -12.17 12.52
N LEU C 23 -14.05 -12.93 12.79
CA LEU C 23 -14.75 -12.79 14.07
C LEU C 23 -13.80 -13.06 15.22
N LYS C 24 -12.90 -14.02 15.03
CA LYS C 24 -11.93 -14.36 16.08
C LYS C 24 -11.06 -13.15 16.42
N ARG C 25 -10.62 -12.42 15.39
CA ARG C 25 -9.78 -11.25 15.58
C ARG C 25 -10.47 -10.14 16.37
N LEU C 26 -11.80 -10.10 16.31
CA LEU C 26 -12.58 -9.08 17.01
C LEU C 26 -12.95 -9.41 18.45
N THR C 27 -12.53 -10.58 18.92
CA THR C 27 -12.85 -11.00 20.29
C THR C 27 -12.58 -9.96 21.39
N PRO C 28 -11.50 -9.19 21.29
CA PRO C 28 -11.22 -8.20 22.34
C PRO C 28 -12.32 -7.13 22.48
N LEU C 29 -13.22 -7.08 21.52
CA LEU C 29 -14.32 -6.12 21.54
C LEU C 29 -15.63 -6.68 22.10
N PHE C 30 -15.76 -8.00 22.16
CA PHE C 30 -16.99 -8.63 22.63
C PHE C 30 -17.49 -8.06 23.96
N GLN C 31 -16.57 -7.80 24.88
CA GLN C 31 -16.93 -7.26 26.18
C GLN C 31 -17.40 -5.82 26.13
N LYS C 32 -16.86 -5.06 25.19
CA LYS C 32 -17.21 -3.66 25.06
C LYS C 32 -18.64 -3.41 24.62
N SER C 33 -19.08 -2.18 24.83
CA SER C 33 -20.42 -1.77 24.44
C SER C 33 -20.23 -0.42 23.76
N PHE C 34 -20.82 -0.26 22.59
CA PHE C 34 -20.67 1.00 21.88
C PHE C 34 -22.00 1.72 21.76
N GLU C 35 -22.02 2.96 22.20
CA GLU C 35 -23.24 3.76 22.16
C GLU C 35 -23.03 5.11 21.49
N SER C 36 -24.07 5.57 20.81
CA SER C 36 -24.06 6.85 20.12
C SER C 36 -25.47 7.43 20.17
N THR C 37 -25.57 8.67 20.63
CA THR C 37 -26.85 9.35 20.75
C THR C 37 -26.92 10.47 19.72
N VAL C 38 -28.05 10.55 19.02
CA VAL C 38 -28.24 11.57 18.01
C VAL C 38 -29.59 12.26 18.18
N GLY C 39 -29.75 13.39 17.51
CA GLY C 39 -30.99 14.13 17.58
C GLY C 39 -31.00 15.15 18.69
N GLN C 40 -32.06 15.95 18.73
CA GLN C 40 -32.20 16.98 19.74
C GLN C 40 -33.52 16.68 20.44
N SER C 41 -33.59 16.90 21.74
CA SER C 41 -34.83 16.65 22.48
C SER C 41 -35.94 17.38 21.76
N PRO C 42 -37.15 16.81 21.73
CA PRO C 42 -37.54 15.54 22.34
C PRO C 42 -37.42 14.36 21.36
N ASP C 43 -36.62 14.53 20.33
CA ASP C 43 -36.47 13.48 19.32
C ASP C 43 -35.09 12.83 19.26
N MET C 44 -34.50 12.61 20.44
CA MET C 44 -33.20 11.98 20.49
C MET C 44 -33.33 10.48 20.38
N TYR C 45 -32.32 9.87 19.76
CA TYR C 45 -32.28 8.43 19.59
C TYR C 45 -30.92 7.96 20.03
N SER C 46 -30.86 6.72 20.50
CA SER C 46 -29.61 6.14 20.95
C SER C 46 -29.39 4.81 20.27
N TYR C 47 -28.17 4.60 19.79
CA TYR C 47 -27.82 3.34 19.15
C TYR C 47 -26.84 2.61 20.04
N VAL C 48 -27.12 1.34 20.30
CA VAL C 48 -26.25 0.51 21.10
C VAL C 48 -25.79 -0.65 20.21
N PHE C 49 -24.48 -0.75 20.06
CA PHE C 49 -23.87 -1.77 19.24
C PHE C 49 -22.96 -2.66 20.07
N ARG C 50 -22.96 -3.95 19.77
CA ARG C 50 -22.12 -4.91 20.46
C ARG C 50 -21.67 -5.97 19.46
N VAL C 51 -20.44 -6.44 19.61
CA VAL C 51 -19.87 -7.45 18.73
C VAL C 51 -20.11 -8.84 19.29
N CYS C 52 -21.00 -9.58 18.63
CA CYS C 52 -21.34 -10.94 19.03
C CYS C 52 -21.92 -11.02 20.45
N ARG C 53 -22.61 -9.97 20.86
CA ARG C 53 -23.24 -9.94 22.18
C ARG C 53 -24.55 -9.17 22.13
N GLU C 54 -25.48 -9.55 22.98
CA GLU C 54 -26.79 -8.93 23.09
C GLU C 54 -26.69 -7.43 23.37
N ALA C 55 -27.32 -6.62 22.53
CA ALA C 55 -27.29 -5.16 22.69
C ALA C 55 -28.61 -4.58 23.20
N GLY C 56 -29.68 -5.33 23.06
CA GLY C 56 -30.97 -4.84 23.53
C GLY C 56 -31.24 -5.04 25.01
N GLN C 57 -32.21 -4.32 25.54
CA GLN C 57 -32.61 -4.41 26.94
C GLN C 57 -33.98 -5.08 27.00
N HIS C 58 -34.72 -4.95 25.91
CA HIS C 58 -36.05 -5.53 25.79
C HIS C 58 -36.15 -6.25 24.45
N SER C 59 -34.99 -6.65 23.93
CA SER C 59 -34.92 -7.36 22.66
C SER C 59 -33.77 -8.36 22.67
N SER C 60 -34.12 -9.65 22.58
CA SER C 60 -33.13 -10.72 22.60
C SER C 60 -32.57 -11.07 21.22
N GLY C 61 -31.27 -11.25 21.16
CA GLY C 61 -30.60 -11.59 19.92
C GLY C 61 -30.16 -10.40 19.11
N ALA C 62 -30.43 -9.20 19.61
CA ALA C 62 -30.06 -7.96 18.93
C ALA C 62 -28.58 -7.66 19.02
N GLY C 63 -27.97 -7.39 17.87
CA GLY C 63 -26.56 -7.05 17.82
C GLY C 63 -26.41 -5.54 17.80
N LEU C 64 -27.45 -4.85 17.33
CA LEU C 64 -27.45 -3.39 17.27
C LEU C 64 -28.91 -2.95 17.38
N VAL C 65 -29.19 -2.09 18.36
CA VAL C 65 -30.54 -1.60 18.59
C VAL C 65 -30.64 -0.08 18.51
N GLN C 66 -31.83 0.39 18.15
CA GLN C 66 -32.13 1.81 18.05
C GLN C 66 -33.18 2.11 19.12
N ILE C 67 -32.86 3.02 20.02
CA ILE C 67 -33.78 3.36 21.09
C ILE C 67 -34.30 4.79 20.98
N GLN C 68 -35.61 4.93 20.85
CA GLN C 68 -36.23 6.24 20.78
C GLN C 68 -36.34 6.65 22.25
N LYS C 69 -35.65 7.73 22.62
CA LYS C 69 -35.66 8.16 24.01
C LYS C 69 -37.00 8.66 24.56
N SER C 70 -37.84 9.24 23.73
CA SER C 70 -39.12 9.77 24.20
C SER C 70 -40.05 8.69 24.76
N ASN C 71 -40.16 7.56 24.07
CA ASN C 71 -41.03 6.48 24.54
C ASN C 71 -40.24 5.24 24.96
N GLY C 72 -38.92 5.31 24.85
CA GLY C 72 -38.11 4.17 25.23
C GLY C 72 -38.22 3.01 24.26
N LYS C 73 -38.87 3.23 23.12
CA LYS C 73 -39.03 2.16 22.12
C LYS C 73 -37.71 1.63 21.57
N GLU C 74 -37.50 0.33 21.72
CA GLU C 74 -36.29 -0.33 21.25
C GLU C 74 -36.56 -1.06 19.93
N THR C 75 -35.83 -0.67 18.89
CA THR C 75 -35.98 -1.26 17.57
C THR C 75 -34.73 -2.06 17.22
N VAL C 76 -34.92 -3.31 16.81
CA VAL C 76 -33.79 -4.17 16.44
C VAL C 76 -33.36 -3.86 15.02
N VAL C 77 -32.11 -3.44 14.88
CA VAL C 77 -31.58 -3.09 13.56
C VAL C 77 -30.95 -4.31 12.91
N GLY C 78 -30.36 -5.18 13.73
CA GLY C 78 -29.74 -6.38 13.20
C GLY C 78 -29.48 -7.39 14.30
N ARG C 79 -29.52 -8.68 13.96
CA ARG C 79 -29.27 -9.75 14.94
C ARG C 79 -27.93 -10.44 14.66
N PHE C 80 -27.16 -10.66 15.71
CA PHE C 80 -25.86 -11.30 15.55
C PHE C 80 -25.91 -12.78 15.18
N ASN C 81 -27.13 -13.31 15.06
CA ASN C 81 -27.29 -14.71 14.68
C ASN C 81 -27.30 -14.80 13.15
N GLU C 82 -27.22 -13.65 12.49
CA GLU C 82 -27.19 -13.59 11.03
C GLU C 82 -26.06 -12.63 10.67
N THR C 83 -24.84 -13.04 10.99
CA THR C 83 -23.67 -12.22 10.74
C THR C 83 -22.89 -12.50 9.46
N GLN C 84 -22.37 -11.42 8.88
CA GLN C 84 -21.52 -11.48 7.70
C GLN C 84 -20.39 -10.51 8.01
N ILE C 85 -19.17 -10.84 7.60
CA ILE C 85 -18.05 -9.96 7.89
C ILE C 85 -17.02 -10.01 6.77
N PHE C 86 -16.52 -8.84 6.37
CA PHE C 86 -15.54 -8.78 5.30
C PHE C 86 -14.35 -7.89 5.64
N GLN C 87 -13.20 -8.22 5.07
CA GLN C 87 -11.97 -7.47 5.29
C GLN C 87 -11.57 -6.73 4.01
N GLY C 88 -11.53 -5.40 4.08
CA GLY C 88 -11.13 -4.62 2.93
C GLY C 88 -9.65 -4.25 3.03
N SER C 89 -9.21 -3.29 2.22
CA SER C 89 -7.81 -2.87 2.21
C SER C 89 -7.35 -2.26 3.52
N ASN C 90 -8.24 -1.55 4.19
CA ASN C 90 -7.89 -0.91 5.45
C ASN C 90 -9.12 -0.78 6.34
N TRP C 91 -10.00 -1.77 6.27
CA TRP C 91 -11.23 -1.74 7.06
C TRP C 91 -11.90 -3.10 7.12
N ILE C 92 -12.87 -3.21 8.01
CA ILE C 92 -13.65 -4.42 8.17
C ILE C 92 -15.11 -4.00 8.17
N MET C 93 -15.94 -4.72 7.43
CA MET C 93 -17.36 -4.42 7.40
C MET C 93 -18.10 -5.54 8.13
N LEU C 94 -18.79 -5.19 9.19
CA LEU C 94 -19.54 -6.17 9.96
C LEU C 94 -20.99 -5.93 9.63
N ILE C 95 -21.72 -7.02 9.42
CA ILE C 95 -23.14 -6.91 9.10
C ILE C 95 -24.01 -7.81 9.93
N TYR C 96 -25.10 -7.26 10.45
CA TYR C 96 -26.06 -8.02 11.23
C TYR C 96 -27.36 -7.92 10.45
N LYS C 97 -27.90 -9.06 10.03
CA LYS C 97 -29.15 -9.08 9.27
C LYS C 97 -30.28 -9.47 10.21
N GLY C 98 -31.46 -9.72 9.65
CA GLY C 98 -32.60 -10.13 10.46
C GLY C 98 -33.17 -9.15 11.46
N GLY C 99 -33.12 -7.85 11.16
CA GLY C 99 -33.66 -6.87 12.08
C GLY C 99 -35.16 -6.75 11.92
N ASP C 100 -35.79 -5.85 12.67
CA ASP C 100 -37.24 -5.67 12.57
C ASP C 100 -37.60 -5.07 11.22
N GLU C 101 -38.73 -5.46 10.66
CA GLU C 101 -39.15 -4.94 9.37
C GLU C 101 -39.46 -3.45 9.48
N TYR C 102 -39.20 -2.72 8.40
CA TYR C 102 -39.48 -1.28 8.37
C TYR C 102 -40.99 -1.09 8.41
N ASP C 103 -41.69 -1.74 7.49
CA ASP C 103 -43.14 -1.66 7.40
C ASP C 103 -43.60 -0.22 7.27
N ASN C 104 -42.86 0.55 6.49
CA ASN C 104 -43.16 1.95 6.26
C ASN C 104 -42.84 2.28 4.81
N HIS C 105 -42.52 3.54 4.55
CA HIS C 105 -42.20 3.98 3.19
C HIS C 105 -41.09 3.14 2.57
N CYS C 106 -40.23 2.57 3.42
CA CYS C 106 -39.12 1.75 2.94
C CYS C 106 -39.57 0.37 2.48
N GLY C 107 -40.76 -0.04 2.91
CA GLY C 107 -41.25 -1.34 2.52
C GLY C 107 -41.36 -2.25 3.73
N ARG C 108 -41.40 -3.57 3.50
CA ARG C 108 -41.54 -4.52 4.59
C ARG C 108 -40.31 -5.39 4.82
N GLU C 109 -39.19 -5.04 4.19
CA GLU C 109 -37.97 -5.82 4.36
C GLU C 109 -37.44 -5.66 5.77
N GLN C 110 -36.66 -6.63 6.22
CA GLN C 110 -36.08 -6.57 7.56
C GLN C 110 -34.89 -5.60 7.56
N ARG C 111 -34.74 -4.86 8.65
CA ARG C 111 -33.63 -3.93 8.76
C ARG C 111 -32.32 -4.73 8.82
N ARG C 112 -31.22 -4.06 8.51
CA ARG C 112 -29.89 -4.65 8.54
C ARG C 112 -28.95 -3.59 9.10
N ALA C 113 -27.99 -4.04 9.91
CA ALA C 113 -27.01 -3.13 10.50
C ALA C 113 -25.69 -3.34 9.80
N VAL C 114 -25.10 -2.25 9.30
CA VAL C 114 -23.81 -2.33 8.63
C VAL C 114 -22.84 -1.43 9.37
N VAL C 115 -21.72 -2.00 9.81
CA VAL C 115 -20.73 -1.23 10.54
C VAL C 115 -19.38 -1.24 9.83
N MET C 116 -18.91 -0.05 9.45
CA MET C 116 -17.62 0.07 8.76
C MET C 116 -16.56 0.36 9.81
N ILE C 117 -15.69 -0.62 10.03
CA ILE C 117 -14.63 -0.49 11.03
C ILE C 117 -13.32 -0.16 10.33
N SER C 118 -12.92 1.11 10.46
CA SER C 118 -11.70 1.60 9.84
C SER C 118 -10.46 1.29 10.67
N CYS C 119 -9.39 0.91 9.98
CA CYS C 119 -8.14 0.64 10.66
C CYS C 119 -7.63 1.92 11.30
N ASN C 120 -7.21 1.80 12.56
CA ASN C 120 -6.65 2.93 13.30
C ASN C 120 -5.74 2.31 14.35
N ARG C 121 -4.44 2.43 14.14
CA ARG C 121 -3.46 1.87 15.07
C ARG C 121 -3.47 2.56 16.44
N HIS C 122 -4.15 3.70 16.52
CA HIS C 122 -4.18 4.47 17.75
C HIS C 122 -5.29 4.19 18.76
N THR C 123 -6.19 3.24 18.46
CA THR C 123 -7.26 2.89 19.38
C THR C 123 -7.80 1.46 19.18
N LEU C 124 -8.17 0.80 20.29
CA LEU C 124 -8.73 -0.56 20.20
C LEU C 124 -10.10 -0.49 19.57
N ALA C 125 -10.82 0.56 19.95
CA ALA C 125 -12.17 0.77 19.45
C ALA C 125 -12.68 2.12 19.94
N ASP C 126 -13.12 2.96 19.00
CA ASP C 126 -13.63 4.26 19.41
C ASP C 126 -14.36 4.95 18.26
N ASN C 127 -14.96 6.09 18.59
CA ASN C 127 -15.67 6.92 17.64
C ASN C 127 -16.75 6.20 16.86
N PHE C 128 -17.63 5.55 17.60
CA PHE C 128 -18.74 4.85 17.01
C PHE C 128 -19.86 5.85 16.77
N ASN C 129 -20.37 5.90 15.54
CA ASN C 129 -21.46 6.81 15.27
C ASN C 129 -22.10 6.50 13.93
N PRO C 130 -23.37 6.83 13.79
CA PRO C 130 -24.12 6.59 12.54
C PRO C 130 -23.73 7.49 11.38
N VAL C 131 -23.92 6.97 10.16
CA VAL C 131 -23.61 7.69 8.94
C VAL C 131 -24.89 7.75 8.10
N SER C 132 -25.62 6.64 8.11
CA SER C 132 -26.89 6.50 7.41
C SER C 132 -27.88 5.94 8.42
N GLU C 133 -29.16 6.30 8.29
CA GLU C 133 -30.16 5.77 9.21
C GLU C 133 -31.61 6.00 8.78
N GLU C 134 -32.51 5.24 9.38
CA GLU C 134 -33.94 5.44 9.14
C GLU C 134 -34.31 5.81 10.56
N ARG C 135 -34.37 7.12 10.80
CA ARG C 135 -34.64 7.65 12.12
C ARG C 135 -35.32 9.01 12.03
N GLY C 136 -36.58 9.07 12.45
CA GLY C 136 -37.31 10.32 12.39
C GLY C 136 -37.28 10.90 11.00
N LYS C 137 -36.88 12.17 10.90
CA LYS C 137 -36.80 12.83 9.61
C LYS C 137 -35.73 12.22 8.71
N VAL C 138 -34.76 11.53 9.29
CA VAL C 138 -33.71 10.88 8.53
C VAL C 138 -34.30 9.62 7.92
N GLN C 139 -34.50 9.62 6.61
CA GLN C 139 -35.11 8.46 5.95
C GLN C 139 -34.29 7.88 4.79
N ASP C 140 -33.17 7.26 5.12
CA ASP C 140 -32.27 6.65 4.14
C ASP C 140 -32.65 5.20 3.88
N CYS C 141 -33.49 4.62 4.73
CA CYS C 141 -33.89 3.23 4.57
C CYS C 141 -32.62 2.38 4.55
N PHE C 142 -31.63 2.79 5.33
CA PHE C 142 -30.36 2.10 5.39
C PHE C 142 -29.66 2.50 6.69
N TYR C 143 -29.03 1.53 7.36
CA TYR C 143 -28.31 1.81 8.61
C TYR C 143 -26.83 1.52 8.43
N LEU C 144 -26.04 2.59 8.38
CA LEU C 144 -24.60 2.47 8.23
C LEU C 144 -23.94 3.16 9.41
N PHE C 145 -23.05 2.45 10.08
CA PHE C 145 -22.32 3.01 11.21
C PHE C 145 -20.82 2.94 10.96
N GLU C 146 -20.06 3.74 11.69
CA GLU C 146 -18.62 3.73 11.52
C GLU C 146 -17.96 3.71 12.89
N MET C 147 -16.73 3.21 12.93
CA MET C 147 -15.95 3.18 14.16
C MET C 147 -14.52 2.84 13.77
N ASP C 148 -13.59 3.17 14.64
CA ASP C 148 -12.18 2.92 14.43
C ASP C 148 -11.72 1.77 15.30
N SER C 149 -10.73 1.02 14.81
CA SER C 149 -10.16 -0.09 15.56
C SER C 149 -8.86 -0.55 14.93
N SER C 150 -7.87 -0.80 15.77
CA SER C 150 -6.57 -1.29 15.33
C SER C 150 -6.72 -2.73 14.84
N LEU C 151 -7.78 -3.39 15.28
CA LEU C 151 -8.05 -4.78 14.91
C LEU C 151 -8.47 -4.94 13.46
N ALA C 152 -8.82 -3.83 12.81
CA ALA C 152 -9.24 -3.88 11.42
C ALA C 152 -8.08 -3.62 10.47
N CYS C 153 -6.89 -3.48 11.02
CA CYS C 153 -5.71 -3.23 10.20
C CYS C 153 -5.12 -4.53 9.64
N SER C 154 -4.72 -4.50 8.38
CA SER C 154 -4.13 -5.66 7.72
C SER C 154 -2.63 -5.45 7.53
N GLU D 3 -28.08 15.02 -20.17
CA GLU D 3 -27.54 13.68 -20.06
C GLU D 3 -27.82 13.08 -18.69
N LYS D 4 -27.96 11.77 -18.65
CA LYS D 4 -28.27 11.07 -17.41
C LYS D 4 -27.07 10.77 -16.51
N THR D 5 -27.18 11.19 -15.25
CA THR D 5 -26.15 10.93 -14.25
C THR D 5 -26.86 10.22 -13.11
N CYS D 6 -26.24 10.22 -11.94
CA CYS D 6 -26.81 9.56 -10.77
C CYS D 6 -28.11 10.20 -10.29
N ASP D 7 -29.13 9.36 -10.13
CA ASP D 7 -30.42 9.81 -9.61
C ASP D 7 -30.46 9.25 -8.18
N LEU D 8 -30.53 10.14 -7.20
CA LEU D 8 -30.56 9.70 -5.81
C LEU D 8 -31.90 9.02 -5.50
N VAL D 9 -31.88 8.05 -4.59
CA VAL D 9 -33.09 7.35 -4.18
C VAL D 9 -33.92 8.30 -3.32
N GLY D 10 -35.25 8.17 -3.39
CA GLY D 10 -36.12 9.02 -2.59
C GLY D 10 -36.86 10.11 -3.34
N GLU D 11 -37.58 10.94 -2.60
CA GLU D 11 -38.35 12.05 -3.17
C GLU D 11 -37.54 12.83 -4.19
N LYS D 12 -38.07 12.93 -5.41
CA LYS D 12 -37.40 13.62 -6.51
C LYS D 12 -36.95 15.05 -6.22
N GLY D 13 -37.68 15.76 -5.37
CA GLY D 13 -37.29 17.13 -5.07
C GLY D 13 -36.84 17.37 -3.64
N LYS D 14 -36.66 16.30 -2.88
CA LYS D 14 -36.25 16.40 -1.48
C LYS D 14 -34.93 15.70 -1.21
N GLU D 15 -34.01 15.72 -2.17
CA GLU D 15 -32.73 15.07 -1.97
C GLU D 15 -31.83 15.74 -0.93
N SER D 16 -31.09 14.92 -0.21
CA SER D 16 -30.17 15.39 0.82
C SER D 16 -29.13 16.30 0.19
N GLU D 17 -28.90 17.47 0.77
CA GLU D 17 -27.91 18.40 0.21
C GLU D 17 -26.55 17.76 0.43
N LYS D 18 -26.48 16.92 1.46
CA LYS D 18 -25.24 16.22 1.78
C LYS D 18 -24.92 15.23 0.68
N GLU D 19 -25.91 14.47 0.23
CA GLU D 19 -25.68 13.51 -0.85
C GLU D 19 -25.38 14.22 -2.17
N LEU D 20 -26.13 15.28 -2.48
CA LEU D 20 -25.89 16.02 -3.71
C LEU D 20 -24.43 16.49 -3.74
N ALA D 21 -23.99 17.11 -2.64
CA ALA D 21 -22.61 17.59 -2.53
C ALA D 21 -21.61 16.46 -2.74
N LEU D 22 -21.97 15.26 -2.29
CA LEU D 22 -21.07 14.11 -2.45
C LEU D 22 -20.99 13.71 -3.92
N LEU D 23 -22.12 13.69 -4.62
CA LEU D 23 -22.09 13.36 -6.03
C LEU D 23 -21.25 14.40 -6.75
N LYS D 24 -21.45 15.67 -6.40
CA LYS D 24 -20.71 16.77 -6.99
C LYS D 24 -19.20 16.59 -6.81
N ARG D 25 -18.79 16.13 -5.63
CA ARG D 25 -17.37 15.94 -5.34
C ARG D 25 -16.72 14.84 -6.17
N LEU D 26 -17.53 13.90 -6.66
CA LEU D 26 -16.98 12.80 -7.45
C LEU D 26 -17.06 13.05 -8.96
N THR D 27 -17.52 14.23 -9.36
CA THR D 27 -17.63 14.53 -10.79
C THR D 27 -16.37 14.20 -11.59
N PRO D 28 -15.17 14.44 -11.02
CA PRO D 28 -13.94 14.14 -11.75
C PRO D 28 -13.83 12.68 -12.17
N LEU D 29 -14.62 11.80 -11.56
CA LEU D 29 -14.55 10.38 -11.88
C LEU D 29 -15.57 9.90 -12.89
N PHE D 30 -16.52 10.76 -13.24
CA PHE D 30 -17.58 10.42 -14.17
C PHE D 30 -17.11 9.80 -15.48
N GLN D 31 -16.20 10.46 -16.19
CA GLN D 31 -15.73 9.94 -17.47
C GLN D 31 -14.78 8.75 -17.34
N LYS D 32 -14.22 8.53 -16.16
CA LYS D 32 -13.32 7.40 -15.97
C LYS D 32 -14.11 6.10 -15.93
N SER D 33 -13.39 4.99 -16.03
CA SER D 33 -14.01 3.68 -15.98
C SER D 33 -13.08 2.74 -15.24
N PHE D 34 -13.64 1.86 -14.42
CA PHE D 34 -12.83 0.94 -13.64
C PHE D 34 -13.21 -0.50 -13.90
N GLU D 35 -12.20 -1.35 -14.03
CA GLU D 35 -12.42 -2.76 -14.32
C GLU D 35 -11.53 -3.66 -13.46
N SER D 36 -12.06 -4.81 -13.11
CA SER D 36 -11.33 -5.77 -12.31
C SER D 36 -11.76 -7.18 -12.68
N THR D 37 -10.78 -8.03 -12.98
CA THR D 37 -11.05 -9.41 -13.34
C THR D 37 -10.63 -10.35 -12.22
N VAL D 38 -11.50 -11.30 -11.90
CA VAL D 38 -11.24 -12.26 -10.85
C VAL D 38 -11.54 -13.69 -11.30
N GLY D 39 -11.06 -14.66 -10.52
CA GLY D 39 -11.30 -16.05 -10.85
C GLY D 39 -10.21 -16.68 -11.69
N GLN D 40 -10.38 -17.97 -11.99
CA GLN D 40 -9.41 -18.70 -12.79
C GLN D 40 -10.10 -19.44 -13.93
N SER D 41 -9.41 -19.52 -15.06
CA SER D 41 -9.94 -20.20 -16.23
C SER D 41 -10.55 -21.53 -15.82
N PRO D 42 -11.73 -21.87 -16.34
CA PRO D 42 -12.51 -21.05 -17.29
C PRO D 42 -13.65 -20.33 -16.57
N ASP D 43 -13.44 -20.01 -15.29
CA ASP D 43 -14.46 -19.36 -14.48
C ASP D 43 -14.15 -17.91 -14.15
N MET D 44 -13.49 -17.21 -15.06
CA MET D 44 -13.15 -15.82 -14.83
C MET D 44 -14.33 -14.87 -15.03
N TYR D 45 -14.37 -13.82 -14.22
CA TYR D 45 -15.42 -12.82 -14.31
C TYR D 45 -14.76 -11.44 -14.35
N SER D 46 -15.48 -10.46 -14.86
CA SER D 46 -14.96 -9.10 -14.95
C SER D 46 -16.00 -8.09 -14.50
N TYR D 47 -15.58 -7.14 -13.65
CA TYR D 47 -16.49 -6.12 -13.16
C TYR D 47 -16.10 -4.77 -13.71
N VAL D 48 -17.06 -4.10 -14.32
CA VAL D 48 -16.83 -2.78 -14.86
C VAL D 48 -17.69 -1.85 -14.03
N PHE D 49 -17.07 -0.82 -13.50
CA PHE D 49 -17.74 0.15 -12.66
C PHE D 49 -17.49 1.56 -13.14
N ARG D 50 -18.55 2.35 -13.19
CA ARG D 50 -18.43 3.73 -13.58
C ARG D 50 -19.25 4.57 -12.61
N VAL D 51 -18.95 5.86 -12.56
CA VAL D 51 -19.66 6.76 -11.66
C VAL D 51 -20.64 7.64 -12.41
N CYS D 52 -21.92 7.41 -12.14
CA CYS D 52 -23.02 8.15 -12.75
C CYS D 52 -23.07 8.12 -14.27
N ARG D 53 -22.66 6.99 -14.85
CA ARG D 53 -22.67 6.80 -16.29
C ARG D 53 -22.80 5.31 -16.62
N GLU D 54 -23.49 5.00 -17.72
CA GLU D 54 -23.69 3.62 -18.14
C GLU D 54 -22.39 2.81 -18.15
N ALA D 55 -22.43 1.64 -17.53
CA ALA D 55 -21.26 0.77 -17.47
C ALA D 55 -21.51 -0.48 -18.33
N GLY D 56 -22.78 -0.72 -18.64
CA GLY D 56 -23.14 -1.87 -19.46
C GLY D 56 -22.82 -1.63 -20.93
N GLN D 57 -22.64 -2.72 -21.66
CA GLN D 57 -22.31 -2.63 -23.09
C GLN D 57 -23.46 -2.04 -23.88
N HIS D 58 -24.69 -2.27 -23.41
CA HIS D 58 -25.89 -1.76 -24.06
C HIS D 58 -26.65 -0.71 -23.34
N SER D 59 -27.69 -1.05 -22.58
CA SER D 59 -28.62 -0.04 -22.09
C SER D 59 -29.01 -0.28 -20.63
N SER D 60 -29.03 -1.13 -19.34
CA SER D 60 -30.25 -0.81 -18.59
C SER D 60 -30.07 0.40 -17.68
N GLY D 61 -29.02 1.19 -17.92
CA GLY D 61 -28.62 2.19 -16.95
C GLY D 61 -27.80 1.57 -15.84
N ALA D 62 -26.99 0.57 -16.18
CA ALA D 62 -26.16 -0.12 -15.22
C ALA D 62 -24.97 0.75 -14.82
N GLY D 63 -24.71 0.82 -13.52
CA GLY D 63 -23.59 1.60 -13.02
C GLY D 63 -22.41 0.68 -12.76
N LEU D 64 -22.71 -0.59 -12.51
CA LEU D 64 -21.67 -1.58 -12.26
C LEU D 64 -22.22 -2.91 -12.77
N VAL D 65 -21.42 -3.61 -13.56
CA VAL D 65 -21.82 -4.89 -14.13
C VAL D 65 -20.84 -6.01 -13.84
N GLN D 66 -21.37 -7.24 -13.86
CA GLN D 66 -20.57 -8.44 -13.65
C GLN D 66 -20.65 -9.26 -14.93
N ILE D 67 -19.51 -9.42 -15.60
CA ILE D 67 -19.45 -10.16 -16.85
C ILE D 67 -18.80 -11.52 -16.69
N GLN D 68 -19.53 -12.57 -17.03
CA GLN D 68 -19.01 -13.93 -16.97
C GLN D 68 -18.30 -14.12 -18.31
N LYS D 69 -17.00 -14.38 -18.27
CA LYS D 69 -16.23 -14.52 -19.48
C LYS D 69 -16.48 -15.79 -20.30
N SER D 70 -16.92 -16.86 -19.65
CA SER D 70 -17.15 -18.11 -20.37
C SER D 70 -18.38 -18.09 -21.29
N ASN D 71 -19.47 -17.48 -20.84
CA ASN D 71 -20.69 -17.41 -21.66
C ASN D 71 -20.98 -15.99 -22.11
N GLY D 72 -20.15 -15.06 -21.66
CA GLY D 72 -20.32 -13.66 -22.02
C GLY D 72 -21.50 -12.98 -21.35
N LYS D 73 -22.20 -13.69 -20.49
CA LYS D 73 -23.36 -13.12 -19.80
C LYS D 73 -22.98 -11.88 -19.00
N GLU D 74 -23.74 -10.81 -19.19
CA GLU D 74 -23.50 -9.55 -18.49
C GLU D 74 -24.62 -9.27 -17.49
N THR D 75 -24.27 -9.25 -16.22
CA THR D 75 -25.23 -9.00 -15.14
C THR D 75 -25.06 -7.61 -14.53
N VAL D 76 -26.14 -6.83 -14.48
CA VAL D 76 -26.06 -5.50 -13.89
C VAL D 76 -26.20 -5.66 -12.38
N VAL D 77 -25.15 -5.25 -11.67
CA VAL D 77 -25.12 -5.37 -10.22
C VAL D 77 -25.83 -4.19 -9.55
N GLY D 78 -25.84 -3.06 -10.24
CA GLY D 78 -26.49 -1.88 -9.69
C GLY D 78 -26.75 -0.86 -10.78
N ARG D 79 -27.80 -0.06 -10.60
CA ARG D 79 -28.17 0.97 -11.57
C ARG D 79 -27.97 2.33 -10.92
N PHE D 80 -27.38 3.27 -11.65
CA PHE D 80 -27.12 4.58 -11.07
C PHE D 80 -28.31 5.50 -11.00
N ASN D 81 -29.47 5.02 -11.42
CA ASN D 81 -30.68 5.83 -11.36
C ASN D 81 -31.35 5.59 -10.00
N GLU D 82 -30.65 4.82 -9.16
CA GLU D 82 -31.07 4.50 -7.81
C GLU D 82 -29.81 4.55 -6.94
N THR D 83 -29.22 5.74 -6.85
CA THR D 83 -27.98 5.94 -6.12
C THR D 83 -28.12 6.49 -4.70
N GLN D 84 -27.23 6.04 -3.83
CA GLN D 84 -27.14 6.52 -2.45
C GLN D 84 -25.64 6.71 -2.21
N ILE D 85 -25.27 7.76 -1.48
CA ILE D 85 -23.87 8.00 -1.22
C ILE D 85 -23.67 8.60 0.17
N PHE D 86 -22.70 8.07 0.91
CA PHE D 86 -22.45 8.58 2.26
C PHE D 86 -20.97 8.73 2.54
N GLN D 87 -20.64 9.68 3.42
CA GLN D 87 -19.26 9.95 3.77
C GLN D 87 -18.95 9.59 5.22
N GLY D 88 -17.87 8.83 5.41
CA GLY D 88 -17.46 8.44 6.75
C GLY D 88 -16.19 9.18 7.15
N SER D 89 -15.45 8.63 8.10
CA SER D 89 -14.21 9.27 8.57
C SER D 89 -13.30 9.58 7.39
N ASN D 90 -12.71 8.55 6.78
CA ASN D 90 -11.85 8.77 5.63
C ASN D 90 -12.29 7.92 4.44
N TRP D 91 -13.59 7.94 4.17
CA TRP D 91 -14.13 7.17 3.06
C TRP D 91 -15.49 7.67 2.58
N ILE D 92 -15.87 7.20 1.41
CA ILE D 92 -17.14 7.54 0.78
C ILE D 92 -17.70 6.22 0.29
N MET D 93 -18.95 5.94 0.64
CA MET D 93 -19.59 4.71 0.21
C MET D 93 -20.63 5.05 -0.86
N LEU D 94 -20.44 4.49 -2.05
CA LEU D 94 -21.36 4.71 -3.17
C LEU D 94 -22.20 3.46 -3.31
N ILE D 95 -23.51 3.64 -3.38
CA ILE D 95 -24.43 2.52 -3.50
C ILE D 95 -25.28 2.68 -4.76
N TYR D 96 -25.42 1.60 -5.52
CA TYR D 96 -26.28 1.59 -6.71
C TYR D 96 -27.26 0.46 -6.39
N LYS D 97 -28.55 0.75 -6.28
CA LYS D 97 -29.52 -0.30 -6.01
C LYS D 97 -30.23 -0.66 -7.31
N GLY D 98 -31.24 -1.51 -7.22
CA GLY D 98 -32.01 -1.89 -8.40
C GLY D 98 -31.31 -2.68 -9.49
N GLY D 99 -30.41 -3.58 -9.11
CA GLY D 99 -29.72 -4.39 -10.11
C GLY D 99 -30.57 -5.60 -10.45
N ASP D 100 -30.09 -6.47 -11.34
CA ASP D 100 -30.85 -7.66 -11.69
C ASP D 100 -31.12 -8.48 -10.44
N GLU D 101 -32.28 -9.12 -10.42
CA GLU D 101 -32.67 -9.92 -9.28
C GLU D 101 -31.87 -11.20 -9.09
N TYR D 102 -31.62 -11.53 -7.83
CA TYR D 102 -30.96 -12.77 -7.51
C TYR D 102 -32.18 -13.65 -7.64
N ASP D 103 -32.06 -14.79 -8.29
CA ASP D 103 -33.23 -15.65 -8.39
C ASP D 103 -32.74 -17.05 -8.12
N ASN D 104 -32.04 -17.17 -6.99
CA ASN D 104 -31.34 -18.37 -6.61
C ASN D 104 -31.51 -18.53 -5.12
N HIS D 105 -30.51 -19.13 -4.47
CA HIS D 105 -30.55 -19.34 -3.04
C HIS D 105 -30.63 -18.02 -2.29
N CYS D 106 -30.28 -16.92 -2.97
CA CYS D 106 -30.30 -15.60 -2.35
C CYS D 106 -31.69 -14.96 -2.35
N GLY D 107 -32.68 -15.65 -2.94
CA GLY D 107 -34.03 -15.10 -3.00
C GLY D 107 -34.19 -14.30 -4.28
N ARG D 108 -35.18 -13.43 -4.37
CA ARG D 108 -35.33 -12.64 -5.58
C ARG D 108 -35.16 -11.14 -5.42
N GLU D 109 -34.56 -10.72 -4.32
CA GLU D 109 -34.33 -9.30 -4.11
C GLU D 109 -33.37 -8.89 -5.24
N GLN D 110 -33.46 -7.64 -5.68
CA GLN D 110 -32.61 -7.15 -6.74
C GLN D 110 -31.20 -6.98 -6.20
N ARG D 111 -30.21 -7.12 -7.07
CA ARG D 111 -28.81 -6.96 -6.68
C ARG D 111 -28.53 -5.49 -6.34
N ARG D 112 -27.46 -5.28 -5.60
CA ARG D 112 -27.05 -3.93 -5.21
C ARG D 112 -25.54 -3.88 -5.31
N ALA D 113 -25.01 -2.73 -5.75
CA ALA D 113 -23.57 -2.59 -5.85
C ALA D 113 -23.11 -1.61 -4.77
N VAL D 114 -22.26 -2.09 -3.88
CA VAL D 114 -21.73 -1.25 -2.80
C VAL D 114 -20.23 -1.05 -3.00
N VAL D 115 -19.82 0.19 -3.19
CA VAL D 115 -18.42 0.52 -3.39
C VAL D 115 -17.86 1.38 -2.26
N MET D 116 -16.82 0.86 -1.60
CA MET D 116 -16.14 1.52 -0.48
C MET D 116 -14.94 2.29 -0.99
N ILE D 117 -15.05 3.61 -1.08
CA ILE D 117 -13.94 4.44 -1.56
C ILE D 117 -13.13 5.00 -0.39
N SER D 118 -11.90 4.50 -0.23
CA SER D 118 -11.03 4.93 0.86
C SER D 118 -10.07 6.05 0.48
N CYS D 119 -9.80 6.93 1.43
CA CYS D 119 -8.89 8.04 1.19
C CYS D 119 -7.48 7.55 0.85
N ASN D 120 -6.89 8.19 -0.14
CA ASN D 120 -5.53 7.89 -0.59
C ASN D 120 -5.12 9.12 -1.36
N ARG D 121 -4.16 9.87 -0.81
CA ARG D 121 -3.71 11.11 -1.42
C ARG D 121 -2.75 10.93 -2.59
N HIS D 122 -2.40 9.69 -2.90
CA HIS D 122 -1.48 9.41 -4.00
C HIS D 122 -2.13 9.13 -5.35
N THR D 123 -3.43 8.88 -5.36
CA THR D 123 -4.14 8.57 -6.60
C THR D 123 -5.52 9.20 -6.65
N LEU D 124 -5.96 9.56 -7.85
CA LEU D 124 -7.29 10.15 -8.00
C LEU D 124 -8.26 8.98 -7.93
N ALA D 125 -7.79 7.81 -8.36
CA ALA D 125 -8.59 6.60 -8.34
C ALA D 125 -7.83 5.37 -8.84
N ASP D 126 -7.83 4.32 -8.02
CA ASP D 126 -7.16 3.08 -8.39
C ASP D 126 -7.50 1.98 -7.40
N ASN D 127 -6.95 0.80 -7.64
CA ASN D 127 -7.17 -0.36 -6.78
C ASN D 127 -8.64 -0.72 -6.63
N PHE D 128 -9.34 -0.90 -7.74
CA PHE D 128 -10.75 -1.30 -7.71
C PHE D 128 -10.77 -2.81 -7.62
N ASN D 129 -11.30 -3.35 -6.52
CA ASN D 129 -11.35 -4.80 -6.36
C ASN D 129 -12.58 -5.21 -5.60
N PRO D 130 -13.09 -6.42 -5.89
CA PRO D 130 -14.27 -6.94 -5.20
C PRO D 130 -13.88 -7.52 -3.85
N VAL D 131 -14.72 -7.32 -2.84
CA VAL D 131 -14.43 -7.84 -1.51
C VAL D 131 -15.45 -8.90 -1.15
N SER D 132 -16.65 -8.76 -1.70
CA SER D 132 -17.72 -9.70 -1.47
C SER D 132 -18.50 -9.76 -2.77
N GLU D 133 -18.93 -10.96 -3.17
CA GLU D 133 -19.67 -11.10 -4.41
C GLU D 133 -20.57 -12.33 -4.45
N GLU D 134 -21.37 -12.38 -5.49
CA GLU D 134 -22.24 -13.51 -5.78
C GLU D 134 -21.67 -13.87 -7.14
N ARG D 135 -20.64 -14.70 -7.12
CA ARG D 135 -19.93 -15.10 -8.33
C ARG D 135 -19.58 -16.58 -8.26
N GLY D 136 -20.29 -17.39 -9.04
CA GLY D 136 -20.04 -18.82 -9.07
C GLY D 136 -19.98 -19.50 -7.72
N LYS D 137 -18.78 -19.92 -7.32
CA LYS D 137 -18.59 -20.58 -6.04
C LYS D 137 -18.71 -19.59 -4.88
N VAL D 138 -18.36 -18.33 -5.14
CA VAL D 138 -18.45 -17.28 -4.14
C VAL D 138 -19.92 -16.87 -4.04
N GLN D 139 -20.58 -17.27 -2.96
CA GLN D 139 -21.98 -16.97 -2.78
C GLN D 139 -22.24 -16.20 -1.48
N ASP D 140 -21.91 -14.91 -1.49
CA ASP D 140 -22.09 -14.06 -0.32
C ASP D 140 -23.42 -13.31 -0.39
N CYS D 141 -24.13 -13.46 -1.51
CA CYS D 141 -25.40 -12.77 -1.70
C CYS D 141 -25.20 -11.31 -1.31
N PHE D 142 -24.07 -10.75 -1.70
CA PHE D 142 -23.75 -9.36 -1.37
C PHE D 142 -22.56 -8.93 -2.23
N TYR D 143 -22.68 -7.77 -2.86
CA TYR D 143 -21.61 -7.26 -3.68
C TYR D 143 -20.98 -6.06 -3.01
N LEU D 144 -19.71 -6.18 -2.66
CA LEU D 144 -18.96 -5.11 -2.02
C LEU D 144 -17.64 -4.92 -2.75
N PHE D 145 -17.40 -3.71 -3.22
CA PHE D 145 -16.17 -3.40 -3.92
C PHE D 145 -15.43 -2.31 -3.15
N GLU D 146 -14.14 -2.15 -3.44
CA GLU D 146 -13.33 -1.14 -2.78
C GLU D 146 -12.43 -0.49 -3.80
N MET D 147 -12.04 0.75 -3.51
CA MET D 147 -11.12 1.46 -4.37
C MET D 147 -10.54 2.63 -3.59
N ASP D 148 -9.48 3.23 -4.13
CA ASP D 148 -8.86 4.35 -3.44
C ASP D 148 -9.03 5.63 -4.24
N SER D 149 -9.05 6.75 -3.53
CA SER D 149 -9.21 8.05 -4.17
C SER D 149 -9.01 9.23 -3.23
N SER D 150 -8.27 10.23 -3.70
CA SER D 150 -8.02 11.43 -2.92
C SER D 150 -9.32 12.22 -2.68
N LEU D 151 -10.29 12.01 -3.56
CA LEU D 151 -11.58 12.68 -3.45
C LEU D 151 -12.31 12.26 -2.18
N ALA D 152 -11.93 11.12 -1.62
CA ALA D 152 -12.58 10.62 -0.41
C ALA D 152 -11.90 11.09 0.87
N CYS D 153 -10.83 11.87 0.74
CA CYS D 153 -10.13 12.36 1.93
C CYS D 153 -10.85 13.54 2.54
N SER D 154 -10.90 13.56 3.87
CA SER D 154 -11.56 14.62 4.64
C SER D 154 -13.01 14.24 4.91
#